data_2FS2
#
_entry.id   2FS2
#
_cell.length_a   69.847
_cell.length_b   69.847
_cell.length_c   117.168
_cell.angle_alpha   90.00
_cell.angle_beta   90.00
_cell.angle_gamma   120.00
#
_symmetry.space_group_name_H-M   'P 31 2 1'
#
loop_
_entity.id
_entity.type
_entity.pdbx_description
1 polymer 'Phenylacetic acid degradation protein paaI'
2 non-polymer 'SULFATE ION'
3 water water
#
_entity_poly.entity_id   1
_entity_poly.type   'polypeptide(L)'
_entity_poly.pdbx_seq_one_letter_code
;SLSHKAWQNAHA(MSE)YENDACAKALGIDIIS(MSE)DEGFAVVT(MSE)TVTAQ(MSE)LNGHQSCHGGQLFSLADTA
FAYACNSQGLAAVASACTIDFLRPGFAGDTLTATAQVRHQGKQTGVYDIEIVNQQQKTVALFRGKSHRIGGTITGEAEGG
SHHHHHH
;
_entity_poly.pdbx_strand_id   A,B
#
# COMPACT_ATOMS: atom_id res chain seq x y z
N SER A 1 10.36 4.94 -33.71
CA SER A 1 11.81 4.58 -33.38
C SER A 1 12.35 5.11 -31.98
N LEU A 2 13.49 5.81 -32.07
CA LEU A 2 13.85 6.85 -31.12
C LEU A 2 12.63 7.71 -30.78
N SER A 3 11.86 8.10 -31.81
CA SER A 3 10.76 8.99 -31.49
C SER A 3 9.57 8.30 -30.80
N HIS A 4 9.51 6.96 -30.97
CA HIS A 4 8.51 6.17 -30.26
C HIS A 4 8.92 6.06 -28.77
N LYS A 5 10.20 5.81 -28.54
CA LYS A 5 10.79 5.72 -27.20
C LYS A 5 10.54 7.09 -26.50
N ALA A 6 10.88 8.21 -27.18
CA ALA A 6 10.66 9.53 -26.64
C ALA A 6 9.18 9.75 -26.36
N TRP A 7 8.34 9.35 -27.31
CA TRP A 7 6.91 9.44 -27.02
C TRP A 7 6.46 8.66 -25.71
N GLN A 8 6.96 7.43 -25.54
CA GLN A 8 6.69 6.59 -24.34
C GLN A 8 7.14 7.20 -23.01
N ASN A 9 8.37 7.74 -22.97
CA ASN A 9 8.87 8.61 -21.92
C ASN A 9 7.90 9.72 -21.56
N ALA A 10 7.45 10.47 -22.58
CA ALA A 10 6.63 11.62 -22.33
C ALA A 10 5.28 11.07 -21.85
N HIS A 11 4.81 10.00 -22.47
CA HIS A 11 3.56 9.40 -22.01
C HIS A 11 3.63 8.88 -20.52
N ALA A 12 4.75 8.25 -20.13
CA ALA A 12 4.89 7.77 -18.76
C ALA A 12 4.95 8.94 -17.77
N TYR A 14 3.51 11.97 -18.34
CA TYR A 14 2.17 12.51 -18.14
C TYR A 14 1.39 11.60 -17.12
N GLU A 15 1.54 10.30 -17.20
CA GLU A 15 0.72 9.54 -16.30
C GLU A 15 1.11 9.70 -14.85
N ASN A 16 2.41 9.77 -14.62
CA ASN A 16 2.89 9.90 -13.28
C ASN A 16 2.45 11.23 -12.69
N ASP A 17 2.52 12.29 -13.48
CA ASP A 17 2.07 13.61 -13.12
C ASP A 17 0.58 13.64 -12.80
N ALA A 18 -0.25 12.91 -13.55
CA ALA A 18 -1.66 12.89 -13.20
C ALA A 18 -1.91 12.18 -11.84
N CYS A 19 -1.23 11.08 -11.56
CA CYS A 19 -1.41 10.54 -10.24
C CYS A 19 -0.92 11.46 -9.11
N ALA A 20 0.13 12.21 -9.38
CA ALA A 20 0.71 13.06 -8.35
C ALA A 20 -0.27 14.18 -8.07
N LYS A 21 -0.75 14.81 -9.13
CA LYS A 21 -1.79 15.82 -9.00
C LYS A 21 -2.91 15.29 -8.11
N ALA A 22 -3.36 14.08 -8.37
CA ALA A 22 -4.60 13.61 -7.76
C ALA A 22 -4.30 13.26 -6.32
N LEU A 23 -3.03 13.07 -5.99
CA LEU A 23 -2.68 12.80 -4.60
C LEU A 23 -2.19 14.03 -3.85
N GLY A 24 -2.02 15.17 -4.54
CA GLY A 24 -1.37 16.33 -3.96
C GLY A 24 0.15 16.21 -3.74
N ILE A 25 0.87 15.64 -4.71
CA ILE A 25 2.27 15.42 -4.55
C ILE A 25 3.00 16.39 -5.42
N ASP A 26 3.98 17.06 -4.83
CA ASP A 26 4.84 17.96 -5.57
C ASP A 26 6.29 17.43 -5.72
N ILE A 27 6.91 17.60 -6.93
CA ILE A 27 8.35 17.39 -7.10
C ILE A 27 9.19 18.48 -6.52
N ILE A 28 10.12 18.13 -5.62
CA ILE A 28 11.08 19.09 -5.10
C ILE A 28 12.45 19.02 -5.76
N SER A 29 12.87 17.84 -6.18
CA SER A 29 14.27 17.68 -6.64
C SER A 29 14.29 16.36 -7.42
N ASP A 31 16.67 13.98 -10.47
CA ASP A 31 17.84 13.88 -11.27
C ASP A 31 18.01 12.45 -11.56
N GLU A 32 19.14 12.09 -12.12
CA GLU A 32 19.31 10.78 -12.68
C GLU A 32 19.19 9.71 -11.59
N GLY A 33 18.11 8.94 -11.63
CA GLY A 33 17.89 7.81 -10.77
C GLY A 33 17.37 8.20 -9.41
N PHE A 34 16.94 9.44 -9.23
CA PHE A 34 16.31 9.77 -7.95
C PHE A 34 15.29 10.86 -8.04
N ALA A 35 14.39 10.87 -7.07
CA ALA A 35 13.37 11.92 -6.99
C ALA A 35 12.95 12.10 -5.52
N VAL A 36 12.70 13.33 -5.18
CA VAL A 36 12.30 13.76 -3.85
C VAL A 36 10.97 14.48 -4.12
N VAL A 37 9.85 13.98 -3.61
CA VAL A 37 8.54 14.59 -3.78
C VAL A 37 7.94 14.88 -2.36
N THR A 38 6.99 15.80 -2.25
CA THR A 38 6.36 16.06 -0.94
C THR A 38 4.88 15.96 -1.06
N THR A 40 1.45 16.88 1.82
CA THR A 40 0.75 17.11 3.13
C THR A 40 -0.37 16.11 3.48
N VAL A 41 -0.35 15.53 4.67
CA VAL A 41 -1.39 14.64 5.11
C VAL A 41 -2.58 15.56 5.43
N THR A 42 -3.74 15.24 4.89
CA THR A 42 -4.99 15.99 5.15
C THR A 42 -5.89 15.09 5.97
N ALA A 43 -6.95 15.64 6.55
CA ALA A 43 -7.75 14.88 7.49
C ALA A 43 -8.49 13.76 6.74
N GLN A 44 -8.60 13.91 5.42
CA GLN A 44 -9.24 12.88 4.57
C GLN A 44 -8.41 11.60 4.43
N LEU A 46 -6.82 10.10 7.08
CA LEU A 46 -6.62 9.46 8.37
C LEU A 46 -7.38 8.13 8.57
N ASN A 47 -6.71 7.19 9.18
CA ASN A 47 -7.39 5.97 9.59
C ASN A 47 -8.01 6.26 10.98
N GLY A 48 -8.43 5.21 11.70
CA GLY A 48 -9.18 5.35 12.95
C GLY A 48 -8.34 5.79 14.13
N HIS A 49 -7.02 5.62 13.99
CA HIS A 49 -6.08 6.11 15.01
C HIS A 49 -5.55 7.52 14.68
N GLN A 50 -6.23 8.19 13.74
CA GLN A 50 -5.87 9.53 13.27
C GLN A 50 -4.43 9.66 12.69
N SER A 51 -3.96 8.63 11.98
CA SER A 51 -2.75 8.77 11.19
C SER A 51 -2.95 8.35 9.73
N CYS A 52 -1.97 8.72 8.95
CA CYS A 52 -2.05 8.48 7.54
C CYS A 52 -2.30 6.96 7.27
N HIS A 53 -3.29 6.62 6.48
CA HIS A 53 -3.40 5.21 6.13
C HIS A 53 -2.22 4.66 5.28
N GLY A 54 -1.76 3.47 5.65
CA GLY A 54 -0.72 2.81 4.93
C GLY A 54 -0.85 2.85 3.41
N GLY A 55 -2.03 2.92 2.81
CA GLY A 55 -2.17 2.96 1.38
C GLY A 55 -1.91 4.28 0.75
N GLN A 56 -2.04 5.32 1.55
CA GLN A 56 -1.59 6.62 1.05
C GLN A 56 -0.09 6.70 1.14
N LEU A 57 0.47 6.26 2.26
CA LEU A 57 1.90 6.22 2.32
C LEU A 57 2.41 5.38 1.12
N PHE A 58 1.75 4.28 0.79
CA PHE A 58 2.29 3.38 -0.25
C PHE A 58 2.23 4.12 -1.59
N SER A 59 1.18 4.91 -1.81
CA SER A 59 1.09 5.70 -3.04
C SER A 59 2.04 6.81 -3.18
N LEU A 60 2.29 7.48 -2.08
CA LEU A 60 3.23 8.54 -2.09
C LEU A 60 4.61 7.90 -2.49
N ALA A 61 5.01 6.85 -1.80
CA ALA A 61 6.24 6.13 -2.18
C ALA A 61 6.23 5.58 -3.66
N ASP A 62 5.16 4.91 -4.10
CA ASP A 62 4.98 4.53 -5.53
C ASP A 62 5.15 5.68 -6.55
N THR A 63 4.64 6.84 -6.23
CA THR A 63 4.78 7.93 -7.11
C THR A 63 6.24 8.39 -7.12
N ALA A 64 6.90 8.47 -5.95
CA ALA A 64 8.37 8.86 -5.95
C ALA A 64 9.20 7.88 -6.77
N PHE A 65 8.83 6.63 -6.62
CA PHE A 65 9.49 5.54 -7.35
C PHE A 65 9.29 5.69 -8.90
N ALA A 66 8.05 5.83 -9.34
CA ALA A 66 7.78 6.13 -10.74
C ALA A 66 8.61 7.29 -11.21
N TYR A 67 8.72 8.40 -10.46
CA TYR A 67 9.49 9.49 -10.90
C TYR A 67 10.97 9.10 -10.96
N ALA A 68 11.48 8.33 -10.03
CA ALA A 68 12.90 7.92 -10.16
C ALA A 68 13.14 7.00 -11.45
N CYS A 69 12.24 6.10 -11.78
CA CYS A 69 12.30 5.30 -13.03
C CYS A 69 12.34 6.22 -14.28
N ASN A 70 11.30 7.00 -14.43
CA ASN A 70 11.19 8.09 -15.34
C ASN A 70 12.29 9.16 -15.48
N SER A 71 13.03 9.51 -14.38
CA SER A 71 14.20 10.34 -14.55
C SER A 71 15.13 9.69 -15.62
N GLN A 72 15.09 8.40 -15.85
CA GLN A 72 16.10 7.91 -16.79
C GLN A 72 15.41 7.13 -17.88
N GLY A 73 14.19 7.45 -18.20
CA GLY A 73 13.48 6.72 -19.22
C GLY A 73 13.27 5.23 -19.06
N LEU A 74 13.04 4.74 -17.82
CA LEU A 74 13.08 3.31 -17.54
C LEU A 74 11.82 2.98 -16.81
N ALA A 75 10.75 3.25 -17.51
CA ALA A 75 9.42 2.94 -17.04
C ALA A 75 9.32 1.47 -16.53
N ALA A 76 8.74 1.31 -15.35
CA ALA A 76 8.79 0.00 -14.66
C ALA A 76 7.56 -0.10 -13.77
N VAL A 77 7.22 -1.31 -13.35
CA VAL A 77 6.25 -1.52 -12.26
C VAL A 77 6.95 -2.23 -11.13
N ALA A 78 6.36 -2.14 -9.96
CA ALA A 78 6.84 -2.84 -8.85
C ALA A 78 6.26 -4.23 -8.94
N SER A 79 7.17 -5.19 -8.81
CA SER A 79 6.80 -6.55 -8.58
C SER A 79 6.77 -7.00 -7.07
N ALA A 80 7.50 -6.32 -6.20
CA ALA A 80 7.50 -6.72 -4.81
C ALA A 80 7.85 -5.45 -4.06
N CYS A 81 7.46 -5.34 -2.79
CA CYS A 81 7.83 -4.16 -1.99
C CYS A 81 7.92 -4.56 -0.53
N THR A 82 8.90 -4.08 0.16
CA THR A 82 9.00 -4.30 1.65
C THR A 82 8.94 -2.94 2.29
N ILE A 83 8.25 -2.79 3.43
CA ILE A 83 7.96 -1.48 4.08
C ILE A 83 8.11 -1.66 5.57
N ASP A 84 8.95 -0.83 6.21
CA ASP A 84 8.95 -0.65 7.67
C ASP A 84 8.25 0.64 8.03
N PHE A 85 7.23 0.60 8.91
CA PHE A 85 6.55 1.87 9.32
C PHE A 85 7.20 2.25 10.65
N LEU A 86 7.85 3.41 10.79
CA LEU A 86 8.56 3.70 12.06
C LEU A 86 7.79 4.64 12.99
N ARG A 87 7.04 5.58 12.40
CA ARG A 87 6.25 6.60 13.10
C ARG A 87 5.10 6.89 12.19
N PRO A 88 3.97 7.25 12.79
CA PRO A 88 2.80 7.58 11.95
C PRO A 88 2.99 8.90 11.29
N GLY A 89 2.26 9.16 10.20
CA GLY A 89 2.23 10.48 9.66
C GLY A 89 0.86 11.06 9.99
N PHE A 90 0.86 12.17 10.72
CA PHE A 90 -0.37 12.75 11.22
C PHE A 90 -0.87 13.77 10.30
N ALA A 91 -2.16 14.03 10.40
CA ALA A 91 -2.75 15.19 9.71
C ALA A 91 -1.88 16.44 9.91
N GLY A 92 -1.75 17.20 8.84
CA GLY A 92 -0.83 18.30 8.72
C GLY A 92 0.67 18.06 8.60
N ASP A 93 1.17 16.84 8.71
CA ASP A 93 2.62 16.65 8.47
C ASP A 93 2.86 16.82 6.98
N THR A 94 4.04 17.29 6.63
CA THR A 94 4.53 17.39 5.30
C THR A 94 5.56 16.29 5.24
N LEU A 95 5.30 15.37 4.32
CA LEU A 95 6.02 14.14 4.21
C LEU A 95 6.81 14.29 2.92
N THR A 96 8.08 13.90 2.98
CA THR A 96 8.99 13.96 1.86
C THR A 96 9.42 12.55 1.55
N ALA A 97 9.18 12.14 0.33
CA ALA A 97 9.54 10.81 0.00
C ALA A 97 10.74 10.96 -0.94
N THR A 98 11.89 10.38 -0.60
CA THR A 98 13.02 10.21 -1.59
C THR A 98 13.17 8.81 -2.19
N ALA A 99 13.16 8.71 -3.52
CA ALA A 99 13.38 7.42 -4.10
C ALA A 99 14.71 7.40 -4.81
N GLN A 100 15.41 6.27 -4.79
CA GLN A 100 16.81 6.19 -5.28
C GLN A 100 17.05 4.80 -5.83
N VAL A 101 17.49 4.75 -7.09
CA VAL A 101 17.76 3.49 -7.64
C VAL A 101 19.00 2.84 -6.91
N ARG A 102 18.91 1.60 -6.55
CA ARG A 102 20.06 0.97 -5.91
C ARG A 102 20.71 -0.05 -6.82
N HIS A 103 19.93 -0.69 -7.66
CA HIS A 103 20.45 -1.59 -8.65
C HIS A 103 19.54 -1.51 -9.86
N GLN A 104 20.14 -1.57 -11.04
CA GLN A 104 19.32 -1.59 -12.25
C GLN A 104 19.94 -2.74 -13.09
N GLY A 105 19.23 -3.86 -13.24
CA GLY A 105 19.65 -4.93 -14.11
C GLY A 105 19.15 -4.79 -15.57
N LYS A 106 19.07 -5.90 -16.29
CA LYS A 106 18.57 -5.81 -17.68
C LYS A 106 17.06 -5.67 -17.70
N GLN A 107 16.37 -6.42 -16.83
CA GLN A 107 14.91 -6.39 -16.82
C GLN A 107 14.37 -5.84 -15.51
N THR A 108 15.20 -5.89 -14.49
CA THR A 108 14.76 -5.55 -13.14
C THR A 108 15.74 -4.65 -12.36
N GLY A 109 15.21 -4.08 -11.29
CA GLY A 109 15.87 -3.05 -10.53
C GLY A 109 15.46 -3.15 -9.08
N VAL A 110 16.14 -2.41 -8.24
CA VAL A 110 15.80 -2.27 -6.82
C VAL A 110 15.90 -0.79 -6.55
N TYR A 111 14.89 -0.24 -5.86
CA TYR A 111 14.75 1.16 -5.52
C TYR A 111 14.51 1.24 -4.03
N ASP A 112 15.13 2.19 -3.36
CA ASP A 112 14.84 2.43 -1.94
C ASP A 112 14.07 3.71 -1.84
N ILE A 113 13.05 3.76 -0.98
CA ILE A 113 12.36 5.01 -0.77
C ILE A 113 12.32 5.27 0.74
N GLU A 114 12.64 6.47 1.18
CA GLU A 114 12.52 6.84 2.60
C GLU A 114 11.44 7.96 2.64
N ILE A 115 10.48 7.88 3.55
CA ILE A 115 9.57 8.98 3.79
C ILE A 115 9.97 9.57 5.15
N VAL A 116 10.12 10.88 5.22
CA VAL A 116 10.44 11.57 6.45
C VAL A 116 9.41 12.66 6.64
N ASN A 117 9.25 13.09 7.91
CA ASN A 117 8.36 14.23 8.23
C ASN A 117 9.04 15.62 8.19
N GLN A 118 8.28 16.67 8.48
CA GLN A 118 8.89 18.00 8.54
C GLN A 118 9.88 18.18 9.74
N GLN A 119 9.96 17.28 10.70
CA GLN A 119 11.05 17.32 11.65
C GLN A 119 12.18 16.46 11.18
N GLN A 120 12.15 16.03 9.91
CA GLN A 120 13.24 15.22 9.40
C GLN A 120 13.33 13.85 10.12
N LYS A 121 12.32 13.42 10.84
CA LYS A 121 12.23 12.05 11.35
C LYS A 121 11.63 11.09 10.30
N THR A 122 12.12 9.87 10.30
CA THR A 122 11.68 8.81 9.42
C THR A 122 10.40 8.25 9.76
N VAL A 123 9.50 8.31 8.77
CA VAL A 123 8.18 7.80 8.95
C VAL A 123 8.12 6.39 8.43
N ALA A 124 8.70 6.12 7.23
CA ALA A 124 8.64 4.79 6.69
C ALA A 124 9.88 4.53 5.79
N LEU A 125 10.37 3.32 5.69
CA LEU A 125 11.33 2.83 4.65
C LEU A 125 10.73 1.80 3.69
N PHE A 126 10.93 1.97 2.35
CA PHE A 126 10.50 0.98 1.41
C PHE A 126 11.75 0.50 0.68
N ARG A 127 11.78 -0.75 0.36
CA ARG A 127 12.62 -1.20 -0.72
C ARG A 127 11.75 -1.94 -1.74
N GLY A 128 11.80 -1.53 -3.00
CA GLY A 128 11.02 -2.12 -4.07
C GLY A 128 11.85 -2.81 -5.14
N LYS A 129 11.34 -3.91 -5.68
CA LYS A 129 11.99 -4.60 -6.79
C LYS A 129 11.15 -4.28 -8.05
N SER A 130 11.78 -3.82 -9.10
CA SER A 130 10.94 -3.29 -10.19
C SER A 130 11.13 -4.15 -11.39
N HIS A 131 10.21 -4.02 -12.33
CA HIS A 131 10.23 -4.77 -13.54
C HIS A 131 10.04 -3.86 -14.79
N ARG A 132 11.07 -3.79 -15.62
CA ARG A 132 11.13 -3.25 -17.03
C ARG A 132 12.37 -2.29 -17.41
N SER B 1 -18.87 -17.72 18.59
CA SER B 1 -18.11 -17.67 19.92
C SER B 1 -16.86 -16.76 19.89
N LEU B 2 -15.72 -17.35 19.52
CA LEU B 2 -14.52 -16.53 19.16
C LEU B 2 -14.83 -15.82 17.86
N SER B 3 -15.59 -16.48 17.00
CA SER B 3 -15.95 -15.93 15.75
C SER B 3 -16.97 -14.85 15.95
N HIS B 4 -17.90 -15.03 16.88
CA HIS B 4 -18.86 -13.94 17.16
C HIS B 4 -18.15 -12.69 17.70
N LYS B 5 -17.09 -12.86 18.47
CA LYS B 5 -16.43 -11.73 19.09
C LYS B 5 -15.67 -11.09 17.95
N ALA B 6 -15.10 -11.96 17.09
CA ALA B 6 -14.32 -11.43 15.97
C ALA B 6 -15.24 -10.55 15.14
N TRP B 7 -16.47 -10.96 14.92
CA TRP B 7 -17.33 -10.14 14.08
C TRP B 7 -17.81 -8.87 14.74
N GLN B 8 -18.03 -8.92 16.03
CA GLN B 8 -18.35 -7.64 16.78
C GLN B 8 -17.24 -6.64 16.63
N ASN B 9 -15.99 -7.10 16.82
CA ASN B 9 -14.87 -6.19 16.57
C ASN B 9 -14.85 -5.65 15.18
N ALA B 10 -15.06 -6.52 14.19
CA ALA B 10 -15.07 -6.05 12.83
C ALA B 10 -16.20 -5.12 12.54
N HIS B 11 -17.43 -5.38 13.07
CA HIS B 11 -18.52 -4.40 12.86
C HIS B 11 -18.20 -3.03 13.48
N ALA B 12 -17.61 -3.00 14.68
CA ALA B 12 -17.20 -1.75 15.32
C ALA B 12 -16.21 -0.99 14.48
N TYR B 14 -15.57 -1.32 11.20
CA TYR B 14 -15.96 -1.05 9.83
C TYR B 14 -16.88 0.14 9.89
N GLU B 15 -17.64 0.23 10.96
CA GLU B 15 -18.65 1.29 11.08
C GLU B 15 -18.03 2.66 11.00
N ASN B 16 -16.77 2.82 11.40
CA ASN B 16 -16.09 4.05 11.08
C ASN B 16 -14.83 3.90 10.21
N ASP B 17 -14.85 2.99 9.24
CA ASP B 17 -13.72 2.87 8.31
C ASP B 17 -14.05 3.53 7.00
N ALA B 18 -13.75 4.82 6.85
CA ALA B 18 -14.09 5.49 5.57
C ALA B 18 -13.23 5.09 4.38
N CYS B 19 -11.95 4.73 4.57
CA CYS B 19 -11.17 4.20 3.46
C CYS B 19 -11.81 2.92 2.85
N ALA B 20 -12.23 1.97 3.72
CA ALA B 20 -12.88 0.70 3.30
C ALA B 20 -14.15 0.99 2.60
N LYS B 21 -14.99 1.82 3.20
CA LYS B 21 -16.23 2.21 2.50
C LYS B 21 -15.96 2.97 1.15
N ALA B 22 -14.98 3.88 1.09
CA ALA B 22 -14.65 4.61 -0.15
C ALA B 22 -14.17 3.67 -1.23
N LEU B 23 -13.42 2.64 -0.86
CA LEU B 23 -12.98 1.68 -1.85
C LEU B 23 -13.97 0.53 -2.14
N GLY B 24 -15.16 0.51 -1.48
CA GLY B 24 -16.15 -0.53 -1.60
C GLY B 24 -15.74 -1.87 -0.99
N ILE B 25 -14.92 -1.87 0.04
CA ILE B 25 -14.54 -3.13 0.68
C ILE B 25 -15.70 -3.62 1.55
N ASP B 26 -16.07 -4.88 1.37
CA ASP B 26 -17.00 -5.53 2.21
C ASP B 26 -16.36 -6.66 3.04
N ILE B 27 -16.79 -6.86 4.29
CA ILE B 27 -16.29 -8.00 5.00
C ILE B 27 -17.22 -9.13 4.88
N ILE B 28 -16.69 -10.29 4.54
CA ILE B 28 -17.50 -11.51 4.31
C ILE B 28 -17.16 -12.66 5.23
N SER B 29 -16.04 -12.62 5.91
CA SER B 29 -15.83 -13.73 6.82
C SER B 29 -14.89 -13.29 7.97
N ASP B 31 -13.04 -14.70 11.84
CA ASP B 31 -12.87 -15.63 12.94
C ASP B 31 -11.68 -15.10 13.73
N GLU B 32 -11.31 -15.73 14.84
CA GLU B 32 -10.23 -15.13 15.60
C GLU B 32 -8.93 -15.28 14.74
N GLY B 33 -8.18 -14.22 14.47
CA GLY B 33 -6.97 -14.32 13.65
C GLY B 33 -7.29 -14.51 12.14
N PHE B 34 -8.49 -14.11 11.67
CA PHE B 34 -8.87 -14.54 10.34
C PHE B 34 -9.88 -13.57 9.81
N ALA B 35 -9.70 -13.11 8.55
CA ALA B 35 -10.69 -12.17 7.92
C ALA B 35 -10.61 -12.31 6.40
N VAL B 36 -11.72 -12.12 5.70
CA VAL B 36 -11.85 -12.24 4.26
C VAL B 36 -12.63 -11.02 3.89
N VAL B 37 -12.13 -10.25 2.93
CA VAL B 37 -12.79 -9.05 2.55
C VAL B 37 -12.74 -9.09 1.05
N THR B 38 -13.54 -8.23 0.47
CA THR B 38 -13.85 -8.30 -0.95
C THR B 38 -13.97 -6.89 -1.56
N THR B 40 -14.48 -4.77 -5.63
CA THR B 40 -14.51 -4.81 -7.08
C THR B 40 -13.62 -3.70 -7.62
N VAL B 41 -12.79 -4.01 -8.61
CA VAL B 41 -11.96 -3.01 -9.27
C VAL B 41 -12.87 -2.24 -10.27
N THR B 42 -13.08 -0.95 -9.99
CA THR B 42 -13.69 0.07 -10.82
C THR B 42 -12.65 0.82 -11.66
N ALA B 43 -13.11 1.53 -12.70
CA ALA B 43 -12.18 2.22 -13.64
C ALA B 43 -11.29 3.32 -12.99
N GLN B 44 -11.88 4.04 -12.05
CA GLN B 44 -11.22 4.99 -11.18
C GLN B 44 -9.92 4.45 -10.55
N LEU B 46 -7.56 2.39 -11.92
CA LEU B 46 -6.60 1.93 -12.96
C LEU B 46 -5.43 2.88 -13.34
N ASN B 47 -4.26 2.29 -13.55
CA ASN B 47 -3.09 2.96 -14.13
C ASN B 47 -3.13 2.93 -15.68
N GLY B 48 -1.97 3.21 -16.29
CA GLY B 48 -1.81 3.33 -17.73
C GLY B 48 -1.87 2.06 -18.58
N HIS B 49 -2.00 0.92 -17.90
CA HIS B 49 -2.11 -0.39 -18.57
C HIS B 49 -3.55 -0.99 -18.38
N GLN B 50 -4.43 -0.15 -17.80
CA GLN B 50 -5.86 -0.36 -17.44
C GLN B 50 -5.97 -1.40 -16.32
N SER B 51 -4.96 -1.35 -15.46
CA SER B 51 -4.71 -2.30 -14.39
C SER B 51 -4.82 -1.58 -13.08
N CYS B 52 -5.25 -2.30 -12.04
CA CYS B 52 -5.43 -1.70 -10.72
C CYS B 52 -4.08 -1.14 -10.21
N HIS B 53 -4.14 0.04 -9.59
CA HIS B 53 -2.99 0.60 -8.88
C HIS B 53 -2.61 -0.21 -7.64
N GLY B 54 -1.29 -0.23 -7.40
CA GLY B 54 -0.70 -0.88 -6.23
C GLY B 54 -1.28 -0.39 -4.90
N GLY B 55 -1.40 0.90 -4.74
CA GLY B 55 -1.92 1.43 -3.51
C GLY B 55 -3.30 0.95 -3.18
N GLN B 56 -4.12 0.67 -4.19
CA GLN B 56 -5.48 0.14 -3.96
C GLN B 56 -5.40 -1.33 -3.57
N LEU B 57 -4.50 -2.06 -4.25
CA LEU B 57 -4.24 -3.43 -3.90
C LEU B 57 -3.62 -3.49 -2.52
N PHE B 58 -2.58 -2.67 -2.25
CA PHE B 58 -2.00 -2.60 -0.91
C PHE B 58 -3.13 -2.31 0.10
N SER B 59 -4.06 -1.46 -0.25
CA SER B 59 -5.10 -1.05 0.73
C SER B 59 -6.07 -2.14 1.03
N LEU B 60 -6.33 -2.97 0.02
CA LEU B 60 -7.15 -4.07 0.24
C LEU B 60 -6.49 -5.09 1.17
N ALA B 61 -5.17 -5.33 0.95
CA ALA B 61 -4.47 -6.32 1.75
C ALA B 61 -4.38 -5.84 3.22
N ASP B 62 -4.25 -4.56 3.40
CA ASP B 62 -3.96 -3.93 4.67
C ASP B 62 -5.26 -3.88 5.41
N THR B 63 -6.36 -3.83 4.67
CA THR B 63 -7.65 -3.92 5.33
C THR B 63 -7.92 -5.34 5.86
N ALA B 64 -7.69 -6.41 5.08
CA ALA B 64 -7.88 -7.73 5.62
C ALA B 64 -6.91 -7.92 6.79
N PHE B 65 -5.71 -7.41 6.63
CA PHE B 65 -4.75 -7.50 7.71
C PHE B 65 -5.24 -6.78 9.08
N ALA B 66 -5.69 -5.53 9.00
CA ALA B 66 -6.21 -4.79 10.15
C ALA B 66 -7.34 -5.60 10.78
N TYR B 67 -8.22 -6.21 9.96
CA TYR B 67 -9.35 -6.96 10.56
C TYR B 67 -8.88 -8.20 11.29
N ALA B 68 -8.03 -8.99 10.65
CA ALA B 68 -7.56 -10.20 11.23
C ALA B 68 -6.76 -9.88 12.53
N CYS B 69 -5.89 -8.87 12.53
CA CYS B 69 -5.08 -8.69 13.71
C CYS B 69 -5.77 -7.85 14.82
N ASN B 70 -6.96 -7.37 14.53
CA ASN B 70 -7.72 -6.64 15.55
C ASN B 70 -8.85 -7.44 16.07
N SER B 71 -8.97 -8.65 15.53
CA SER B 71 -10.15 -9.49 15.75
C SER B 71 -10.21 -10.05 17.13
N GLN B 72 -9.08 -10.13 17.85
CA GLN B 72 -9.04 -10.65 19.20
C GLN B 72 -9.47 -9.55 20.18
N GLY B 73 -9.71 -8.34 19.73
CA GLY B 73 -10.11 -7.26 20.63
C GLY B 73 -9.01 -6.35 21.13
N LEU B 74 -7.74 -6.56 20.74
CA LEU B 74 -6.61 -5.71 21.14
C LEU B 74 -6.13 -4.82 20.00
N ALA B 75 -6.22 -3.51 20.16
CA ALA B 75 -5.85 -2.58 19.13
C ALA B 75 -4.36 -2.93 18.65
N ALA B 76 -4.15 -2.98 17.34
CA ALA B 76 -2.85 -3.36 16.79
C ALA B 76 -2.74 -2.69 15.45
N VAL B 77 -1.49 -2.37 15.07
CA VAL B 77 -1.14 -1.66 13.84
C VAL B 77 0.03 -2.42 13.12
N ALA B 78 0.26 -2.08 11.87
CA ALA B 78 1.30 -2.73 11.10
C ALA B 78 2.66 -2.15 11.51
N SER B 79 3.67 -2.90 11.88
CA SER B 79 4.99 -2.27 11.92
C SER B 79 5.78 -2.51 10.63
N ALA B 80 5.39 -3.49 9.85
CA ALA B 80 6.16 -3.80 8.64
C ALA B 80 5.39 -4.76 7.80
N CYS B 81 5.76 -4.81 6.51
CA CYS B 81 5.12 -5.77 5.69
C CYS B 81 5.71 -5.85 4.30
N THR B 82 5.38 -6.89 3.58
CA THR B 82 5.95 -7.08 2.28
C THR B 82 4.85 -7.54 1.34
N ILE B 83 4.89 -7.09 0.10
CA ILE B 83 3.89 -7.45 -0.87
C ILE B 83 4.59 -7.96 -2.14
N ASP B 84 4.16 -9.10 -2.68
CA ASP B 84 4.45 -9.52 -4.04
C ASP B 84 3.24 -9.33 -5.01
N PHE B 85 3.38 -8.55 -6.07
CA PHE B 85 2.35 -8.37 -7.10
C PHE B 85 2.50 -9.44 -8.17
N LEU B 86 1.50 -10.29 -8.35
CA LEU B 86 1.66 -11.41 -9.30
C LEU B 86 0.87 -11.29 -10.64
N ARG B 87 -0.29 -10.69 -10.59
CA ARG B 87 -1.14 -10.56 -11.78
C ARG B 87 -1.79 -9.23 -11.64
N PRO B 88 -2.14 -8.60 -12.74
CA PRO B 88 -2.89 -7.35 -12.66
C PRO B 88 -4.32 -7.60 -12.15
N GLY B 89 -4.92 -6.60 -11.54
CA GLY B 89 -6.37 -6.55 -11.36
C GLY B 89 -7.07 -5.65 -12.42
N PHE B 90 -7.95 -6.18 -13.28
CA PHE B 90 -8.57 -5.35 -14.33
C PHE B 90 -9.93 -4.93 -13.95
N ALA B 91 -10.48 -3.88 -14.56
CA ALA B 91 -11.86 -3.40 -14.26
C ALA B 91 -12.85 -4.51 -14.22
N GLY B 92 -13.67 -4.54 -13.18
CA GLY B 92 -14.75 -5.51 -13.09
C GLY B 92 -14.24 -6.73 -12.32
N ASP B 93 -12.90 -6.90 -12.19
CA ASP B 93 -12.39 -8.09 -11.50
C ASP B 93 -12.93 -8.05 -10.07
N THR B 94 -13.38 -9.17 -9.50
CA THR B 94 -13.75 -9.12 -8.05
C THR B 94 -12.60 -9.73 -7.31
N LEU B 95 -12.12 -9.05 -6.27
CA LEU B 95 -10.85 -9.42 -5.59
C LEU B 95 -11.18 -9.75 -4.12
N THR B 96 -10.69 -10.88 -3.65
CA THR B 96 -10.93 -11.36 -2.33
C THR B 96 -9.56 -11.46 -1.62
N ALA B 97 -9.42 -10.77 -0.50
CA ALA B 97 -8.19 -10.81 0.34
C ALA B 97 -8.53 -11.61 1.60
N THR B 98 -7.76 -12.67 1.85
CA THR B 98 -7.91 -13.48 3.01
C THR B 98 -6.66 -13.32 3.85
N ALA B 99 -6.85 -13.04 5.13
CA ALA B 99 -5.75 -12.82 6.02
C ALA B 99 -5.80 -13.89 7.08
N GLN B 100 -4.69 -14.54 7.43
CA GLN B 100 -4.66 -15.65 8.37
C GLN B 100 -3.47 -15.38 9.31
N VAL B 101 -3.68 -15.52 10.60
CA VAL B 101 -2.60 -15.40 11.60
C VAL B 101 -1.61 -16.61 11.39
N ARG B 102 -0.32 -16.32 11.32
CA ARG B 102 0.79 -17.35 11.45
C ARG B 102 1.42 -17.34 12.85
N HIS B 103 1.47 -16.22 13.53
CA HIS B 103 1.92 -16.11 14.89
C HIS B 103 1.23 -14.90 15.59
N GLN B 104 0.85 -15.05 16.84
CA GLN B 104 0.34 -13.90 17.60
C GLN B 104 0.90 -14.06 19.03
N GLY B 105 1.89 -13.27 19.44
CA GLY B 105 2.38 -13.19 20.80
C GLY B 105 1.54 -12.21 21.59
N LYS B 106 1.96 -11.91 22.82
CA LYS B 106 1.28 -10.88 23.61
C LYS B 106 1.36 -9.49 23.02
N GLN B 107 2.48 -9.18 22.39
CA GLN B 107 2.70 -7.87 21.79
C GLN B 107 2.71 -7.90 20.27
N THR B 108 3.34 -8.91 19.67
CA THR B 108 3.49 -8.87 18.20
C THR B 108 2.92 -10.02 17.43
N GLY B 109 2.61 -9.80 16.15
CA GLY B 109 2.06 -10.91 15.40
C GLY B 109 2.49 -10.94 13.95
N VAL B 110 2.43 -12.09 13.33
CA VAL B 110 2.61 -12.21 11.88
C VAL B 110 1.32 -12.76 11.17
N TYR B 111 0.94 -12.13 10.06
CA TYR B 111 -0.34 -12.43 9.35
C TYR B 111 0.00 -12.50 7.87
N ASP B 112 -0.52 -13.52 7.21
CA ASP B 112 -0.33 -13.75 5.78
C ASP B 112 -1.65 -13.37 5.14
N ILE B 113 -1.56 -12.65 4.03
CA ILE B 113 -2.77 -12.26 3.33
C ILE B 113 -2.58 -12.73 1.86
N GLU B 114 -3.63 -13.27 1.26
CA GLU B 114 -3.55 -13.57 -0.17
C GLU B 114 -4.73 -12.88 -0.85
N ILE B 115 -4.48 -12.28 -2.01
CA ILE B 115 -5.53 -11.71 -2.84
C ILE B 115 -5.72 -12.54 -4.14
N VAL B 116 -6.97 -12.94 -4.38
CA VAL B 116 -7.35 -13.88 -5.40
C VAL B 116 -8.45 -13.20 -6.18
N ASN B 117 -8.47 -13.39 -7.51
CA ASN B 117 -9.54 -12.81 -8.30
C ASN B 117 -10.67 -13.79 -8.52
N GLN B 118 -11.68 -13.38 -9.31
CA GLN B 118 -12.84 -14.24 -9.48
C GLN B 118 -12.47 -15.53 -10.30
N GLN B 119 -11.37 -15.57 -11.03
CA GLN B 119 -11.00 -16.84 -11.68
C GLN B 119 -10.22 -17.74 -10.73
N GLN B 120 -10.14 -17.35 -9.45
CA GLN B 120 -9.29 -18.05 -8.49
C GLN B 120 -7.79 -17.95 -8.83
N LYS B 121 -7.37 -16.89 -9.47
CA LYS B 121 -5.97 -16.70 -9.70
C LYS B 121 -5.44 -15.73 -8.63
N THR B 122 -4.32 -16.06 -8.01
CA THR B 122 -3.55 -15.07 -7.20
C THR B 122 -3.09 -13.80 -7.83
N VAL B 123 -3.54 -12.70 -7.27
CA VAL B 123 -3.15 -11.42 -7.67
C VAL B 123 -1.92 -10.93 -6.91
N ALA B 124 -1.84 -11.26 -5.62
CA ALA B 124 -0.86 -10.67 -4.74
C ALA B 124 -0.78 -11.47 -3.41
N LEU B 125 0.39 -11.40 -2.77
CA LEU B 125 0.74 -12.18 -1.51
C LEU B 125 1.35 -11.12 -0.64
N PHE B 126 0.97 -11.10 0.64
CA PHE B 126 1.43 -10.03 1.45
C PHE B 126 1.69 -10.74 2.79
N ARG B 127 2.61 -10.21 3.56
CA ARG B 127 2.90 -10.77 4.86
C ARG B 127 3.12 -9.54 5.71
N GLY B 128 2.44 -9.49 6.84
CA GLY B 128 2.44 -8.27 7.60
C GLY B 128 2.82 -8.61 9.05
N LYS B 129 3.45 -7.67 9.69
CA LYS B 129 3.83 -7.90 11.05
C LYS B 129 3.07 -6.84 11.87
N SER B 130 2.45 -7.22 12.97
CA SER B 130 1.64 -6.24 13.73
C SER B 130 2.25 -6.01 15.11
N HIS B 131 1.84 -4.95 15.77
CA HIS B 131 2.36 -4.54 17.07
C HIS B 131 1.11 -4.05 17.85
N ARG B 132 0.84 -4.61 19.00
CA ARG B 132 -0.31 -4.04 19.81
C ARG B 132 0.08 -2.73 20.46
N ILE B 133 -0.82 -1.78 20.50
CA ILE B 133 -0.47 -0.42 20.82
C ILE B 133 -1.18 -0.02 22.15
N GLY B 134 -1.90 -0.96 22.74
CA GLY B 134 -2.50 -0.72 24.04
C GLY B 134 -3.98 -0.43 23.99
N GLY B 135 -4.70 -1.16 24.85
CA GLY B 135 -6.14 -1.02 24.98
C GLY B 135 -6.84 -1.70 23.83
N THR B 136 -8.14 -1.44 23.77
CA THR B 136 -9.13 -2.01 22.84
C THR B 136 -9.34 -1.11 21.63
N ILE B 137 -10.10 -1.63 20.65
CA ILE B 137 -10.01 -1.18 19.24
C ILE B 137 -10.89 0.06 19.00
N THR B 138 -10.82 0.69 17.79
CA THR B 138 -11.51 2.00 17.58
C THR B 138 -12.92 1.88 16.98
#